data_1CLO
#
_entry.id   1CLO
#
_cell.length_a   38.890
_cell.length_b   79.680
_cell.length_c   68.520
_cell.angle_alpha   90.00
_cell.angle_beta   104.91
_cell.angle_gamma   90.00
#
_symmetry.space_group_name_H-M   'P 1 21 1'
#
loop_
_entity.id
_entity.type
_entity.pdbx_description
1 polymer 'A5B7 MONOCLONAL ANTIBODY'
2 polymer 'A5B7 MONOCLONAL ANTIBODY'
3 water water
#
loop_
_entity_poly.entity_id
_entity_poly.type
_entity_poly.pdbx_seq_one_letter_code
_entity_poly.pdbx_strand_id
1 'polypeptide(L)'
;QTVLSQSPAILSASPGEKVTMTCRASSSVTYIHWYQQKPGSSPKSWIYATSNLASGVPARFSGSGSGTSYSLTISRVEAE
DAATYYCQHWSSKPPTFGGGTKLEIKRADAAPTVSIFPPSSEQLTSGGASVVCFLNNFYPKDINVKWKIDGSERQNGVLN
SWTDQDSKDSTYSMSSTLTLTKDEYERHNSYTCEATHKTSTSPIVKSFNRNEC
;
L
2 'polypeptide(L)'
;EVKLVESGGGLVQPGGSLRLSCATSGFTFTDYYMNWVRQPPGKALEWLGFIGNKANGYTTEYSASVKGRFTISRDKSQSI
LYLQMNTLRAEDSATYYCTRDRGLRFYFDYWGQGTTLTVSSAKTTPPSVYPLAPGSAAQTNSMVTLGCLVKGYFPEPVTV
TWNSGSLSSGVHTFPAVLQSDLYTLSSSVTVPSSPRPSETVTCNVAHPASSTKVDKKIVPRD
;
H
#
# COMPACT_ATOMS: atom_id res chain seq x y z
N GLN A 1 27.89 12.02 4.50
CA GLN A 1 26.45 12.36 4.65
C GLN A 1 25.81 12.56 3.26
N THR A 2 25.78 13.79 2.77
CA THR A 2 25.19 14.13 1.48
C THR A 2 23.72 13.76 1.52
N VAL A 3 22.86 14.74 1.43
CA VAL A 3 21.45 14.46 1.45
C VAL A 3 20.90 14.66 0.04
N LEU A 4 20.02 13.75 -0.38
CA LEU A 4 19.40 13.89 -1.70
C LEU A 4 18.04 14.63 -1.53
N SER A 5 17.79 15.57 -2.41
CA SER A 5 16.54 16.31 -2.34
C SER A 5 15.86 16.23 -3.69
N GLN A 6 14.65 15.69 -3.69
CA GLN A 6 13.96 15.54 -4.93
C GLN A 6 12.89 16.60 -5.10
N SER A 7 12.69 17.05 -6.32
CA SER A 7 11.64 18.00 -6.56
C SER A 7 11.06 17.79 -7.94
N PRO A 8 9.75 18.02 -8.10
CA PRO A 8 8.84 18.43 -7.04
C PRO A 8 8.41 17.21 -6.26
N ALA A 9 7.83 17.40 -5.08
CA ALA A 9 7.33 16.29 -4.29
C ALA A 9 6.20 15.58 -5.10
N ILE A 10 5.32 16.36 -5.75
CA ILE A 10 4.25 15.83 -6.61
C ILE A 10 4.34 16.47 -7.98
N LEU A 11 4.29 15.65 -9.03
CA LEU A 11 4.36 16.15 -10.38
C LEU A 11 3.10 15.71 -11.15
N SER A 12 2.35 16.66 -11.71
CA SER A 12 1.14 16.38 -12.50
C SER A 12 1.46 16.42 -13.99
N ALA A 13 1.04 15.39 -14.72
CA ALA A 13 1.25 15.31 -16.18
C ALA A 13 0.11 14.57 -16.87
N SER A 14 -0.27 15.06 -18.05
CA SER A 14 -1.34 14.46 -18.86
C SER A 14 -0.66 13.47 -19.78
N PRO A 15 -1.32 12.35 -20.09
CA PRO A 15 -0.68 11.42 -20.99
C PRO A 15 -0.35 12.19 -22.28
N GLY A 16 0.88 12.01 -22.74
CA GLY A 16 1.29 12.68 -23.94
C GLY A 16 2.30 13.75 -23.62
N GLU A 17 2.25 14.31 -22.43
CA GLU A 17 3.19 15.34 -22.03
C GLU A 17 4.62 14.84 -21.76
N LYS A 18 5.58 15.74 -21.85
CA LYS A 18 6.97 15.39 -21.53
C LYS A 18 7.17 15.94 -20.14
N VAL A 19 7.77 15.15 -19.24
CA VAL A 19 8.06 15.63 -17.87
C VAL A 19 9.47 15.24 -17.40
N THR A 20 10.01 16.03 -16.49
CA THR A 20 11.34 15.84 -15.93
C THR A 20 11.20 16.09 -14.46
N MET A 21 11.98 15.39 -13.66
CA MET A 21 11.99 15.60 -12.21
C MET A 21 13.47 15.71 -11.86
N THR A 22 13.79 16.31 -10.73
CA THR A 22 15.19 16.51 -10.37
C THR A 22 15.60 15.95 -9.01
N CYS A 23 16.87 15.59 -8.90
CA CYS A 23 17.44 15.06 -7.66
C CYS A 23 18.62 15.97 -7.41
N ARG A 24 18.62 16.68 -6.29
CA ARG A 24 19.74 17.55 -5.95
C ARG A 24 20.54 17.02 -4.77
N ALA A 25 21.85 16.89 -4.97
CA ALA A 25 22.77 16.41 -3.92
C ALA A 25 23.37 17.60 -3.17
N SER A 26 23.39 17.51 -1.84
CA SER A 26 23.93 18.58 -1.04
C SER A 26 25.44 18.70 -1.24
N SER A 27 26.05 17.72 -1.90
CA SER A 27 27.47 17.73 -2.21
C SER A 27 27.59 16.84 -3.40
N SER A 28 28.58 17.13 -4.23
CA SER A 28 28.85 16.37 -5.46
C SER A 28 28.90 14.85 -5.29
N VAL A 29 28.26 14.12 -6.21
CA VAL A 29 28.30 12.67 -6.17
C VAL A 29 28.66 12.28 -7.58
N THR A 30 29.15 11.06 -7.75
CA THR A 30 29.60 10.57 -9.05
C THR A 30 28.46 10.05 -9.94
N TYR A 31 27.52 9.35 -9.31
CA TYR A 31 26.37 8.73 -9.99
C TYR A 31 25.15 8.83 -9.12
N ILE A 32 24.00 8.90 -9.78
CA ILE A 32 22.69 8.91 -9.12
C ILE A 32 21.94 7.77 -9.80
N HIS A 33 21.29 6.95 -8.99
CA HIS A 33 20.51 5.83 -9.54
C HIS A 33 19.03 6.10 -9.23
N TRP A 34 18.14 5.71 -10.13
CA TRP A 34 16.70 5.94 -9.94
C TRP A 34 15.91 4.65 -9.87
N TYR A 35 14.85 4.69 -9.07
CA TYR A 35 13.93 3.57 -8.85
C TYR A 35 12.48 4.03 -8.98
N GLN A 36 11.65 3.14 -9.54
CA GLN A 36 10.21 3.37 -9.66
C GLN A 36 9.50 2.45 -8.65
N GLN A 37 8.63 3.02 -7.81
CA GLN A 37 7.87 2.22 -6.87
C GLN A 37 6.37 2.47 -6.95
N LYS A 38 5.61 1.43 -7.25
CA LYS A 38 4.15 1.54 -7.26
C LYS A 38 3.67 1.03 -5.90
N PRO A 39 2.70 1.73 -5.28
CA PRO A 39 2.19 1.33 -3.96
C PRO A 39 1.86 -0.15 -3.92
N GLY A 40 2.19 -0.78 -2.78
CA GLY A 40 1.99 -2.21 -2.58
C GLY A 40 3.03 -3.11 -3.21
N SER A 41 4.04 -2.50 -3.85
CA SER A 41 5.09 -3.23 -4.51
C SER A 41 6.44 -2.68 -4.03
N SER A 42 7.51 -3.38 -4.36
CA SER A 42 8.81 -2.92 -3.94
C SER A 42 9.42 -2.05 -5.02
N PRO A 43 10.41 -1.23 -4.68
CA PRO A 43 11.06 -0.36 -5.67
C PRO A 43 11.71 -1.24 -6.76
N LYS A 44 11.75 -0.74 -7.99
CA LYS A 44 12.40 -1.44 -9.08
C LYS A 44 13.47 -0.51 -9.68
N SER A 45 14.63 -1.07 -10.01
CA SER A 45 15.70 -0.31 -10.64
C SER A 45 15.14 0.25 -11.95
N TRP A 46 15.19 1.58 -12.11
CA TRP A 46 14.67 2.24 -13.33
C TRP A 46 15.83 2.80 -14.20
N ILE A 47 16.64 3.69 -13.62
CA ILE A 47 17.82 4.25 -14.32
C ILE A 47 19.03 4.02 -13.41
N TYR A 48 20.15 3.53 -13.97
CA TYR A 48 21.31 3.33 -13.13
C TYR A 48 22.53 4.05 -13.71
N ALA A 49 23.44 4.43 -12.82
CA ALA A 49 24.67 5.13 -13.18
C ALA A 49 24.29 6.33 -14.03
N THR A 50 23.34 7.09 -13.49
CA THR A 50 22.87 8.34 -14.09
C THR A 50 22.01 8.33 -15.32
N SER A 51 22.37 7.52 -16.30
CA SER A 51 21.66 7.50 -17.58
C SER A 51 21.46 6.17 -18.30
N ASN A 52 21.70 5.06 -17.61
CA ASN A 52 21.49 3.80 -18.29
C ASN A 52 20.12 3.28 -17.91
N LEU A 53 19.35 2.80 -18.89
CA LEU A 53 18.02 2.23 -18.66
C LEU A 53 18.11 0.80 -18.13
N ALA A 54 17.48 0.53 -17.00
CA ALA A 54 17.49 -0.83 -16.47
C ALA A 54 16.76 -1.74 -17.49
N SER A 55 17.01 -3.05 -17.45
CA SER A 55 16.35 -3.97 -18.39
C SER A 55 14.81 -3.88 -18.30
N GLY A 56 14.15 -3.86 -19.45
CA GLY A 56 12.71 -3.78 -19.47
C GLY A 56 12.12 -2.38 -19.44
N VAL A 57 12.88 -1.40 -18.96
CA VAL A 57 12.40 -0.02 -18.88
C VAL A 57 12.14 0.60 -20.24
N PRO A 58 10.99 1.27 -20.40
CA PRO A 58 10.58 1.93 -21.64
C PRO A 58 11.53 3.04 -22.09
N ALA A 59 11.93 2.98 -23.35
CA ALA A 59 12.84 3.95 -23.96
C ALA A 59 12.40 5.42 -23.82
N ARG A 60 11.13 5.65 -23.45
CA ARG A 60 10.63 7.01 -23.26
C ARG A 60 11.27 7.62 -22.01
N PHE A 61 11.91 6.79 -21.19
CA PHE A 61 12.58 7.26 -19.97
C PHE A 61 14.05 7.52 -20.27
N SER A 62 14.63 8.49 -19.59
CA SER A 62 16.04 8.80 -19.77
C SER A 62 16.49 9.52 -18.53
N GLY A 63 17.80 9.52 -18.26
CA GLY A 63 18.31 10.18 -17.07
C GLY A 63 19.56 10.98 -17.42
N SER A 64 19.88 11.99 -16.63
CA SER A 64 21.08 12.80 -16.89
C SER A 64 21.47 13.62 -15.70
N GLY A 65 22.58 14.34 -15.85
CA GLY A 65 23.09 15.13 -14.74
C GLY A 65 24.57 14.90 -14.39
N SER A 66 25.03 15.69 -13.44
CA SER A 66 26.42 15.67 -12.97
C SER A 66 26.59 16.51 -11.70
N GLY A 67 27.63 16.22 -10.95
CA GLY A 67 27.95 16.94 -9.74
C GLY A 67 26.90 16.85 -8.65
N THR A 68 26.04 17.87 -8.63
CA THR A 68 24.98 17.93 -7.64
C THR A 68 23.59 17.96 -8.26
N SER A 69 23.49 17.94 -9.58
CA SER A 69 22.19 18.02 -10.22
C SER A 69 21.94 16.89 -11.17
N TYR A 70 20.83 16.19 -10.94
CA TYR A 70 20.46 15.05 -11.77
C TYR A 70 18.97 15.12 -12.06
N SER A 71 18.53 14.46 -13.13
CA SER A 71 17.11 14.50 -13.45
C SER A 71 16.73 13.26 -14.20
N LEU A 72 15.45 12.92 -14.11
CA LEU A 72 14.89 11.78 -14.84
C LEU A 72 13.87 12.44 -15.76
N THR A 73 13.73 11.94 -16.98
CA THR A 73 12.76 12.53 -17.93
C THR A 73 11.92 11.46 -18.61
N ILE A 74 10.61 11.74 -18.80
CA ILE A 74 9.73 10.80 -19.51
C ILE A 74 9.34 11.60 -20.75
N SER A 75 9.73 11.12 -21.92
CA SER A 75 9.45 11.85 -23.13
C SER A 75 7.97 12.03 -23.43
N ARG A 76 7.20 10.98 -23.21
CA ARG A 76 5.77 10.94 -23.48
C ARG A 76 5.08 10.12 -22.37
N VAL A 77 4.59 10.81 -21.34
CA VAL A 77 3.94 10.19 -20.21
C VAL A 77 2.77 9.29 -20.60
N GLU A 78 2.67 8.13 -19.95
CA GLU A 78 1.59 7.18 -20.19
C GLU A 78 0.96 6.97 -18.83
N ALA A 79 -0.32 6.61 -18.77
CA ALA A 79 -1.02 6.40 -17.51
C ALA A 79 -0.36 5.39 -16.56
N GLU A 80 0.31 4.39 -17.09
CA GLU A 80 0.98 3.41 -16.22
C GLU A 80 2.20 3.97 -15.52
N ASP A 81 2.62 5.18 -15.92
CA ASP A 81 3.78 5.85 -15.34
C ASP A 81 3.49 6.39 -13.96
N ALA A 82 2.22 6.35 -13.55
CA ALA A 82 1.85 6.82 -12.20
C ALA A 82 2.64 5.97 -11.19
N ALA A 83 3.44 6.62 -10.35
CA ALA A 83 4.27 5.92 -9.37
C ALA A 83 5.14 6.94 -8.65
N THR A 84 5.88 6.51 -7.62
CA THR A 84 6.82 7.39 -6.95
C THR A 84 8.21 6.96 -7.48
N TYR A 85 9.03 7.96 -7.83
CA TYR A 85 10.37 7.74 -8.36
C TYR A 85 11.37 8.22 -7.31
N TYR A 86 12.31 7.35 -6.95
CA TYR A 86 13.32 7.69 -5.93
C TYR A 86 14.73 7.75 -6.52
N CYS A 87 15.55 8.68 -6.07
CA CYS A 87 16.95 8.75 -6.55
C CYS A 87 17.82 8.22 -5.43
N GLN A 88 19.03 7.79 -5.74
CA GLN A 88 19.93 7.21 -4.72
C GLN A 88 21.42 7.35 -5.07
N HIS A 89 22.25 7.60 -4.05
CA HIS A 89 23.68 7.70 -4.22
C HIS A 89 24.34 6.73 -3.21
N TRP A 90 25.61 6.40 -3.43
CA TRP A 90 26.41 5.50 -2.59
C TRP A 90 27.81 6.16 -2.56
N SER A 91 27.91 7.36 -2.00
CA SER A 91 29.20 8.04 -1.97
C SER A 91 30.01 7.72 -0.72
N SER A 92 29.35 7.75 0.43
CA SER A 92 29.98 7.41 1.69
C SER A 92 28.89 6.60 2.40
N LYS A 93 29.21 6.06 3.57
CA LYS A 93 28.26 5.29 4.35
C LYS A 93 27.47 6.27 5.20
N PRO A 94 26.12 6.14 5.19
CA PRO A 94 25.44 5.10 4.41
C PRO A 94 24.87 5.59 3.06
N PRO A 95 24.63 4.67 2.11
CA PRO A 95 24.06 5.15 0.84
C PRO A 95 22.65 5.70 1.23
N THR A 96 22.24 6.83 0.65
CA THR A 96 20.94 7.40 0.98
C THR A 96 20.06 7.60 -0.23
N PHE A 97 18.75 7.64 0.04
CA PHE A 97 17.69 7.81 -0.96
C PHE A 97 17.01 9.19 -0.79
N GLY A 98 16.58 9.79 -1.90
CA GLY A 98 15.85 11.05 -1.77
C GLY A 98 14.44 10.75 -1.27
N GLY A 99 13.64 11.78 -0.99
CA GLY A 99 12.27 11.58 -0.51
C GLY A 99 11.24 11.13 -1.54
N GLY A 100 11.60 11.22 -2.82
CA GLY A 100 10.73 10.78 -3.88
C GLY A 100 9.92 11.86 -4.57
N THR A 101 9.52 11.55 -5.78
CA THR A 101 8.67 12.41 -6.59
C THR A 101 7.50 11.51 -7.03
N LYS A 102 6.29 11.86 -6.60
CA LYS A 102 5.09 11.13 -7.02
C LYS A 102 4.58 11.74 -8.32
N LEU A 103 4.44 10.91 -9.36
CA LEU A 103 3.91 11.31 -10.65
C LEU A 103 2.42 11.02 -10.61
N GLU A 104 1.64 12.09 -10.71
CA GLU A 104 0.20 12.00 -10.70
C GLU A 104 -0.27 12.22 -12.11
N ILE A 105 -1.06 11.27 -12.63
CA ILE A 105 -1.60 11.37 -13.97
C ILE A 105 -2.85 12.25 -14.00
N LYS A 106 -2.82 13.29 -14.83
CA LYS A 106 -3.96 14.18 -14.95
C LYS A 106 -5.01 13.57 -15.88
N ARG A 107 -6.25 13.53 -15.42
CA ARG A 107 -7.35 12.99 -16.24
C ARG A 107 -8.61 13.87 -16.03
N ALA A 108 -9.66 13.69 -16.84
CA ALA A 108 -10.90 14.48 -16.71
C ALA A 108 -11.59 14.20 -15.40
N ASP A 109 -12.41 15.15 -14.93
CA ASP A 109 -13.16 14.99 -13.69
C ASP A 109 -14.07 13.75 -13.81
N ALA A 110 -14.36 13.10 -12.68
CA ALA A 110 -15.22 11.91 -12.69
C ALA A 110 -15.89 11.85 -11.36
N ALA A 111 -17.22 11.90 -11.36
CA ALA A 111 -17.94 11.86 -10.11
C ALA A 111 -17.88 10.47 -9.50
N PRO A 112 -17.87 10.40 -8.17
CA PRO A 112 -17.82 9.08 -7.54
C PRO A 112 -19.09 8.26 -7.67
N THR A 113 -18.91 6.95 -7.75
CA THR A 113 -20.04 6.02 -7.73
C THR A 113 -20.18 5.75 -6.20
N VAL A 114 -21.22 6.31 -5.59
CA VAL A 114 -21.46 6.18 -4.15
C VAL A 114 -22.41 5.01 -3.77
N SER A 115 -22.01 4.17 -2.81
CA SER A 115 -22.85 3.06 -2.35
C SER A 115 -22.91 3.11 -0.85
N ILE A 116 -24.11 3.06 -0.28
CA ILE A 116 -24.31 3.07 1.16
C ILE A 116 -24.76 1.66 1.68
N PHE A 117 -24.31 1.27 2.87
CA PHE A 117 -24.66 -0.05 3.38
C PHE A 117 -25.00 0.00 4.83
N PRO A 118 -26.19 -0.48 5.20
CA PRO A 118 -26.55 -0.45 6.62
C PRO A 118 -25.69 -1.50 7.34
N PRO A 119 -25.65 -1.50 8.68
CA PRO A 119 -24.85 -2.52 9.38
C PRO A 119 -25.27 -3.95 8.98
N SER A 120 -24.35 -4.89 8.95
CA SER A 120 -24.71 -6.26 8.61
C SER A 120 -25.51 -6.79 9.84
N SER A 121 -26.38 -7.77 9.65
CA SER A 121 -27.12 -8.30 10.79
C SER A 121 -26.15 -9.00 11.72
N GLU A 122 -25.22 -9.73 11.12
CA GLU A 122 -24.18 -10.43 11.85
C GLU A 122 -23.46 -9.46 12.78
N GLN A 123 -22.99 -8.32 12.27
CA GLN A 123 -22.31 -7.36 13.14
C GLN A 123 -23.24 -6.83 14.21
N LEU A 124 -24.45 -6.47 13.79
CA LEU A 124 -25.49 -5.89 14.62
C LEU A 124 -25.86 -6.76 15.82
N THR A 125 -25.98 -8.06 15.61
CA THR A 125 -26.29 -9.01 16.70
C THR A 125 -25.15 -8.98 17.72
N SER A 126 -23.95 -8.67 17.25
CA SER A 126 -22.78 -8.60 18.12
C SER A 126 -22.73 -7.31 18.93
N GLY A 127 -23.74 -6.45 18.81
CA GLY A 127 -23.81 -5.20 19.56
C GLY A 127 -23.25 -3.95 18.85
N GLY A 128 -22.71 -4.14 17.65
CA GLY A 128 -22.13 -3.02 16.92
C GLY A 128 -22.86 -2.68 15.63
N ALA A 129 -22.69 -1.44 15.21
CA ALA A 129 -23.31 -0.94 13.99
C ALA A 129 -22.38 0.01 13.21
N SER A 130 -21.80 -0.53 12.14
CA SER A 130 -20.91 0.23 11.25
C SER A 130 -21.64 0.54 9.95
N VAL A 131 -21.88 1.81 9.66
CA VAL A 131 -22.51 2.12 8.38
C VAL A 131 -21.35 2.38 7.39
N VAL A 132 -21.33 1.68 6.27
CA VAL A 132 -20.26 1.87 5.30
C VAL A 132 -20.73 2.57 4.03
N CYS A 133 -19.85 3.41 3.49
CA CYS A 133 -20.14 4.13 2.28
C CYS A 133 -18.93 4.12 1.38
N PHE A 134 -19.08 3.53 0.20
CA PHE A 134 -18.04 3.51 -0.82
C PHE A 134 -18.25 4.70 -1.79
N LEU A 135 -17.17 5.41 -2.12
CA LEU A 135 -17.18 6.53 -3.08
C LEU A 135 -16.06 6.19 -4.04
N ASN A 136 -16.40 5.42 -5.05
CA ASN A 136 -15.47 4.90 -6.02
C ASN A 136 -15.27 5.63 -7.33
N ASN A 137 -14.12 5.31 -7.93
CA ASN A 137 -13.64 5.78 -9.23
C ASN A 137 -13.88 7.24 -9.60
N PHE A 138 -13.41 8.15 -8.75
CA PHE A 138 -13.54 9.59 -8.96
C PHE A 138 -12.19 10.30 -9.27
N TYR A 139 -12.26 11.59 -9.58
CA TYR A 139 -11.13 12.39 -9.91
C TYR A 139 -11.61 13.84 -10.03
N PRO A 140 -10.89 14.80 -9.43
CA PRO A 140 -9.64 14.62 -8.66
C PRO A 140 -9.77 13.98 -7.28
N LYS A 141 -8.60 13.67 -6.73
CA LYS A 141 -8.45 13.06 -5.43
C LYS A 141 -9.11 13.81 -4.27
N ASP A 142 -9.16 15.13 -4.33
CA ASP A 142 -9.77 15.90 -3.24
C ASP A 142 -11.29 15.71 -3.23
N ILE A 143 -11.82 15.38 -2.06
CA ILE A 143 -13.25 15.12 -1.90
C ILE A 143 -13.63 15.16 -0.44
N ASN A 144 -14.84 15.63 -0.16
CA ASN A 144 -15.31 15.69 1.23
C ASN A 144 -16.55 14.84 1.41
N VAL A 145 -16.55 14.09 2.49
CA VAL A 145 -17.69 13.25 2.87
C VAL A 145 -18.25 13.79 4.17
N LYS A 146 -19.56 13.85 4.24
CA LYS A 146 -20.24 14.31 5.44
C LYS A 146 -21.26 13.26 5.77
N TRP A 147 -21.44 13.01 7.06
CA TRP A 147 -22.41 12.04 7.48
C TRP A 147 -23.51 12.84 8.15
N LYS A 148 -24.73 12.41 7.89
CA LYS A 148 -25.90 13.04 8.46
C LYS A 148 -26.83 11.93 8.91
N ILE A 149 -27.30 12.10 10.14
CA ILE A 149 -28.20 11.16 10.77
C ILE A 149 -29.40 12.02 11.08
N ASP A 150 -30.45 11.85 10.27
CA ASP A 150 -31.72 12.61 10.34
C ASP A 150 -31.50 14.13 10.20
N GLY A 151 -30.84 14.53 9.11
CA GLY A 151 -30.56 15.93 8.87
C GLY A 151 -29.44 16.51 9.73
N SER A 152 -29.11 15.85 10.83
CA SER A 152 -28.07 16.33 11.71
C SER A 152 -26.74 15.72 11.30
N GLU A 153 -25.78 16.57 10.99
CA GLU A 153 -24.45 16.11 10.57
C GLU A 153 -23.59 15.81 11.81
N ARG A 154 -22.81 14.74 11.74
CA ARG A 154 -21.96 14.37 12.85
C ARG A 154 -20.64 13.99 12.23
N GLN A 155 -19.55 14.25 12.95
CA GLN A 155 -18.22 13.91 12.44
C GLN A 155 -17.51 12.83 13.27
N ASN A 156 -17.83 12.74 14.56
CA ASN A 156 -17.20 11.72 15.42
C ASN A 156 -17.61 10.33 14.93
N GLY A 157 -16.74 9.35 15.10
CA GLY A 157 -17.06 8.00 14.65
C GLY A 157 -16.77 7.68 13.18
N VAL A 158 -16.39 8.68 12.38
CA VAL A 158 -16.08 8.46 10.96
C VAL A 158 -14.62 8.10 10.76
N LEU A 159 -14.37 7.04 9.99
CA LEU A 159 -13.02 6.58 9.69
C LEU A 159 -12.92 6.44 8.20
N ASN A 160 -12.06 7.26 7.60
CA ASN A 160 -11.86 7.29 6.16
C ASN A 160 -10.58 6.63 5.67
N SER A 161 -10.62 6.17 4.43
CA SER A 161 -9.48 5.54 3.82
C SER A 161 -9.58 5.72 2.31
N TRP A 162 -8.47 6.15 1.70
CA TRP A 162 -8.42 6.38 0.26
C TRP A 162 -7.46 5.44 -0.40
N THR A 163 -7.70 5.14 -1.66
CA THR A 163 -6.78 4.30 -2.39
C THR A 163 -5.84 5.23 -3.20
N ASP A 164 -4.84 4.63 -3.79
CA ASP A 164 -3.86 5.34 -4.59
C ASP A 164 -4.42 5.37 -6.00
N GLN A 165 -3.87 6.22 -6.84
CA GLN A 165 -4.35 6.35 -8.20
C GLN A 165 -4.32 5.05 -8.97
N ASP A 166 -5.42 4.76 -9.67
CA ASP A 166 -5.55 3.54 -10.45
C ASP A 166 -4.59 3.60 -11.62
N SER A 167 -4.00 2.46 -12.00
CA SER A 167 -3.05 2.46 -13.11
C SER A 167 -3.61 2.39 -14.54
N LYS A 168 -4.91 2.10 -14.65
CA LYS A 168 -5.60 1.98 -15.93
C LYS A 168 -6.56 3.14 -16.21
N ASP A 169 -7.32 3.54 -15.21
CA ASP A 169 -8.28 4.63 -15.43
C ASP A 169 -7.89 5.93 -14.76
N SER A 170 -6.85 5.84 -13.94
CA SER A 170 -6.31 6.97 -13.22
C SER A 170 -7.23 7.60 -12.22
N THR A 171 -8.16 6.81 -11.67
CA THR A 171 -9.07 7.36 -10.68
C THR A 171 -8.64 7.00 -9.28
N TYR A 172 -9.35 7.57 -8.32
CA TYR A 172 -9.17 7.34 -6.89
C TYR A 172 -10.46 6.71 -6.31
N SER A 173 -10.36 6.11 -5.13
CA SER A 173 -11.52 5.54 -4.45
C SER A 173 -11.37 5.83 -2.97
N MET A 174 -12.50 5.77 -2.25
CA MET A 174 -12.50 6.08 -0.85
C MET A 174 -13.62 5.30 -0.15
N SER A 175 -13.43 5.02 1.13
CA SER A 175 -14.43 4.30 1.90
C SER A 175 -14.54 5.09 3.13
N SER A 176 -15.78 5.39 3.52
CA SER A 176 -16.00 6.09 4.74
C SER A 176 -16.84 5.17 5.62
N THR A 177 -16.62 5.22 6.94
CA THR A 177 -17.34 4.36 7.87
C THR A 177 -17.76 5.10 9.12
N LEU A 178 -19.05 4.99 9.44
CA LEU A 178 -19.59 5.63 10.62
C LEU A 178 -19.78 4.48 11.59
N THR A 179 -19.08 4.53 12.71
CA THR A 179 -19.18 3.50 13.71
C THR A 179 -19.90 3.90 14.98
N LEU A 180 -20.95 3.13 15.27
CA LEU A 180 -21.78 3.32 16.45
C LEU A 180 -22.10 1.92 17.04
N THR A 181 -22.73 1.91 18.19
CA THR A 181 -23.17 0.68 18.81
C THR A 181 -24.52 0.34 18.18
N LYS A 182 -25.03 -0.86 18.43
CA LYS A 182 -26.34 -1.22 17.92
C LYS A 182 -27.38 -0.25 18.47
N ASP A 183 -27.29 0.05 19.76
CA ASP A 183 -28.22 0.96 20.38
C ASP A 183 -28.28 2.37 19.83
N GLU A 184 -27.15 2.94 19.48
CA GLU A 184 -27.13 4.31 18.97
C GLU A 184 -27.70 4.33 17.57
N TYR A 185 -27.47 3.26 16.86
CA TYR A 185 -27.95 3.11 15.50
C TYR A 185 -29.49 3.01 15.50
N GLU A 186 -30.04 2.68 16.66
CA GLU A 186 -31.47 2.52 16.75
C GLU A 186 -32.24 3.64 17.45
N ARG A 187 -31.66 4.84 17.41
CA ARG A 187 -32.25 6.05 17.97
C ARG A 187 -32.43 7.05 16.85
N HIS A 188 -32.16 6.62 15.64
CA HIS A 188 -32.28 7.48 14.47
C HIS A 188 -32.96 6.71 13.33
N ASN A 189 -33.43 7.43 12.32
CA ASN A 189 -34.11 6.80 11.20
C ASN A 189 -33.30 6.86 9.90
N SER A 190 -33.00 8.08 9.47
CA SER A 190 -32.26 8.37 8.26
C SER A 190 -30.72 8.47 8.41
N TYR A 191 -30.01 7.78 7.53
CA TYR A 191 -28.55 7.77 7.50
C TYR A 191 -28.12 8.19 6.11
N THR A 192 -27.35 9.28 6.04
CA THR A 192 -26.90 9.85 4.76
C THR A 192 -25.39 10.05 4.67
N CYS A 193 -24.84 9.60 3.55
CA CYS A 193 -23.42 9.73 3.25
C CYS A 193 -23.34 10.77 2.11
N GLU A 194 -22.93 11.98 2.45
CA GLU A 194 -22.89 13.11 1.53
C GLU A 194 -21.50 13.48 1.00
N ALA A 195 -21.37 13.49 -0.32
CA ALA A 195 -20.09 13.77 -0.94
C ALA A 195 -19.94 15.07 -1.73
N THR A 196 -19.16 16.01 -1.21
CA THR A 196 -18.90 17.25 -1.93
C THR A 196 -17.61 17.07 -2.77
N HIS A 197 -17.72 17.25 -4.07
CA HIS A 197 -16.59 17.08 -4.95
C HIS A 197 -16.62 18.13 -6.07
N LYS A 198 -15.47 18.36 -6.69
CA LYS A 198 -15.28 19.32 -7.78
C LYS A 198 -16.25 19.10 -8.95
N THR A 199 -16.65 17.85 -9.18
CA THR A 199 -17.58 17.51 -10.26
C THR A 199 -19.00 18.09 -10.15
N SER A 200 -19.25 18.90 -9.12
CA SER A 200 -20.54 19.54 -8.93
C SER A 200 -20.61 20.35 -7.63
N THR A 201 -21.45 21.37 -7.65
CA THR A 201 -21.67 22.23 -6.49
C THR A 201 -22.46 21.47 -5.45
N SER A 202 -23.58 20.92 -5.91
CA SER A 202 -24.48 20.14 -5.06
C SER A 202 -23.81 18.81 -4.72
N PRO A 203 -23.97 18.35 -3.47
CA PRO A 203 -23.37 17.09 -3.04
C PRO A 203 -24.12 15.90 -3.54
N ILE A 204 -23.44 14.76 -3.59
CA ILE A 204 -24.07 13.48 -3.95
C ILE A 204 -24.61 13.09 -2.58
N VAL A 205 -25.77 12.45 -2.53
CA VAL A 205 -26.34 12.04 -1.25
C VAL A 205 -26.89 10.65 -1.41
N LYS A 206 -26.46 9.76 -0.53
CA LYS A 206 -26.94 8.40 -0.58
C LYS A 206 -27.41 8.17 0.84
N SER A 207 -28.62 7.63 0.94
CA SER A 207 -29.24 7.41 2.22
C SER A 207 -30.05 6.15 2.22
N PHE A 208 -30.47 5.77 3.42
CA PHE A 208 -31.35 4.65 3.64
C PHE A 208 -31.98 4.99 4.97
N ASN A 209 -33.09 4.33 5.26
CA ASN A 209 -33.79 4.49 6.50
C ASN A 209 -33.65 3.17 7.20
N ARG A 210 -33.26 3.25 8.46
CA ARG A 210 -33.13 2.06 9.28
C ARG A 210 -34.48 1.30 9.21
N ASN A 211 -34.42 0.08 8.72
CA ASN A 211 -35.58 -0.80 8.55
C ASN A 211 -35.38 -2.06 9.41
N GLU A 212 -35.91 -2.03 10.63
CA GLU A 212 -35.82 -3.17 11.54
C GLU A 212 -36.37 -4.44 10.86
N CYS A 213 -35.51 -5.40 10.59
CA CYS A 213 -35.96 -6.65 10.01
C CYS A 213 -35.04 -7.60 10.67
N GLU B 1 16.49 -15.61 -14.69
CA GLU B 1 15.71 -14.58 -13.92
C GLU B 1 16.18 -14.52 -12.47
N VAL B 2 16.68 -13.34 -12.04
CA VAL B 2 17.14 -13.17 -10.67
C VAL B 2 15.86 -13.05 -9.85
N LYS B 3 15.83 -13.62 -8.66
CA LYS B 3 14.67 -13.56 -7.84
C LYS B 3 15.06 -13.63 -6.39
N LEU B 4 14.41 -12.82 -5.59
CA LEU B 4 14.64 -12.72 -4.16
C LEU B 4 13.25 -12.80 -3.48
N VAL B 5 13.02 -13.83 -2.67
CA VAL B 5 11.75 -14.02 -1.96
C VAL B 5 11.94 -13.98 -0.48
N GLU B 6 11.36 -12.99 0.19
CA GLU B 6 11.50 -12.93 1.62
C GLU B 6 10.40 -13.62 2.40
N SER B 7 10.71 -13.97 3.66
CA SER B 7 9.80 -14.63 4.59
C SER B 7 10.21 -14.13 5.96
N GLY B 8 9.34 -14.31 6.93
CA GLY B 8 9.67 -13.95 8.28
C GLY B 8 9.06 -12.75 8.95
N GLY B 9 8.39 -11.87 8.21
CA GLY B 9 7.83 -10.72 8.88
C GLY B 9 6.74 -11.06 9.89
N GLY B 10 6.35 -10.09 10.69
CA GLY B 10 5.29 -10.33 11.64
C GLY B 10 5.40 -9.39 12.82
N LEU B 11 4.61 -9.67 13.84
CA LEU B 11 4.56 -8.90 15.06
C LEU B 11 5.57 -9.49 16.05
N VAL B 12 6.25 -8.62 16.78
CA VAL B 12 7.20 -9.00 17.82
C VAL B 12 7.17 -7.84 18.80
N GLN B 13 7.22 -8.17 20.08
CA GLN B 13 7.17 -7.18 21.12
C GLN B 13 8.50 -6.42 21.25
N PRO B 14 8.47 -5.22 21.84
CA PRO B 14 9.72 -4.46 22.00
C PRO B 14 10.68 -5.31 22.83
N GLY B 15 11.97 -5.28 22.49
CA GLY B 15 12.95 -6.06 23.22
C GLY B 15 13.15 -7.43 22.60
N GLY B 16 12.21 -7.81 21.75
CA GLY B 16 12.30 -9.09 21.12
C GLY B 16 13.25 -9.12 19.94
N SER B 17 13.56 -10.33 19.51
CA SER B 17 14.42 -10.57 18.39
C SER B 17 13.56 -11.25 17.33
N LEU B 18 13.99 -11.18 16.07
CA LEU B 18 13.29 -11.82 14.97
C LEU B 18 14.28 -11.88 13.81
N ARG B 19 14.28 -12.96 13.07
CA ARG B 19 15.19 -13.11 11.95
C ARG B 19 14.37 -13.21 10.67
N LEU B 20 14.73 -12.38 9.67
CA LEU B 20 14.05 -12.40 8.36
C LEU B 20 14.93 -13.20 7.41
N SER B 21 14.32 -13.76 6.36
CA SER B 21 15.04 -14.52 5.38
C SER B 21 14.73 -13.97 4.02
N CYS B 22 15.59 -14.33 3.08
CA CYS B 22 15.47 -13.92 1.70
C CYS B 22 16.07 -15.06 0.89
N ALA B 23 15.21 -15.80 0.18
CA ALA B 23 15.64 -16.91 -0.66
C ALA B 23 16.00 -16.32 -1.98
N THR B 24 17.17 -16.68 -2.48
CA THR B 24 17.65 -16.13 -3.73
C THR B 24 17.83 -17.22 -4.76
N SER B 25 17.74 -16.84 -6.03
CA SER B 25 17.93 -17.80 -7.09
C SER B 25 18.19 -17.00 -8.35
N GLY B 26 18.82 -17.63 -9.35
CA GLY B 26 19.06 -16.97 -10.62
C GLY B 26 20.42 -16.37 -10.84
N PHE B 27 21.26 -16.35 -9.81
CA PHE B 27 22.63 -15.83 -9.93
C PHE B 27 23.47 -16.53 -8.83
N THR B 28 24.80 -16.36 -8.84
CA THR B 28 25.67 -16.96 -7.84
C THR B 28 25.62 -16.04 -6.64
N PHE B 29 24.91 -16.52 -5.64
CA PHE B 29 24.66 -15.81 -4.40
C PHE B 29 25.88 -15.32 -3.64
N THR B 30 27.00 -15.99 -3.86
CA THR B 30 28.26 -15.70 -3.18
C THR B 30 29.16 -14.66 -3.85
N ASP B 31 28.86 -14.37 -5.10
CA ASP B 31 29.59 -13.36 -5.85
C ASP B 31 28.99 -11.96 -5.78
N TYR B 32 27.99 -11.74 -4.92
CA TYR B 32 27.35 -10.42 -4.83
C TYR B 32 27.23 -9.91 -3.47
N TYR B 33 27.20 -8.59 -3.38
CA TYR B 33 27.03 -7.87 -2.12
C TYR B 33 25.52 -7.92 -1.93
N MET B 34 25.10 -8.35 -0.75
CA MET B 34 23.68 -8.52 -0.42
C MET B 34 23.22 -7.58 0.64
N ASN B 35 22.20 -6.81 0.31
CA ASN B 35 21.75 -5.81 1.27
C ASN B 35 20.32 -5.96 1.79
N TRP B 36 20.01 -5.19 2.83
CA TRP B 36 18.70 -5.10 3.41
C TRP B 36 18.41 -3.59 3.50
N VAL B 37 17.23 -3.19 3.06
CA VAL B 37 16.82 -1.80 3.09
C VAL B 37 15.37 -1.84 3.62
N ARG B 38 15.01 -1.00 4.59
CA ARG B 38 13.64 -0.93 5.10
C ARG B 38 12.92 0.37 4.67
N GLN B 39 11.58 0.32 4.67
CA GLN B 39 10.77 1.43 4.27
C GLN B 39 9.70 1.59 5.34
N PRO B 40 9.98 2.45 6.33
CA PRO B 40 9.01 2.68 7.39
C PRO B 40 7.83 3.51 6.85
N PRO B 41 6.65 3.41 7.50
CA PRO B 41 5.46 4.16 7.07
C PRO B 41 5.77 5.65 6.87
N GLY B 42 5.52 6.13 5.65
CA GLY B 42 5.76 7.53 5.34
C GLY B 42 7.16 8.07 5.54
N LYS B 43 8.14 7.19 5.40
CA LYS B 43 9.52 7.61 5.57
C LYS B 43 10.30 7.10 4.38
N ALA B 44 11.45 7.71 4.15
CA ALA B 44 12.29 7.35 3.03
C ALA B 44 12.89 5.95 3.21
N LEU B 45 13.33 5.37 2.13
CA LEU B 45 13.98 4.10 2.11
C LEU B 45 15.26 4.28 3.00
N GLU B 46 15.60 3.28 3.80
CA GLU B 46 16.75 3.33 4.73
C GLU B 46 17.59 2.06 4.67
N TRP B 47 18.77 2.14 4.07
CA TRP B 47 19.69 1.01 3.97
C TRP B 47 20.13 0.64 5.39
N LEU B 48 20.28 -0.66 5.63
CA LEU B 48 20.64 -1.14 6.96
C LEU B 48 22.02 -1.78 7.05
N GLY B 49 22.43 -2.46 5.98
CA GLY B 49 23.72 -3.10 5.99
C GLY B 49 23.88 -4.01 4.81
N PHE B 50 25.00 -4.71 4.78
CA PHE B 50 25.30 -5.67 3.74
C PHE B 50 26.29 -6.73 4.21
N ILE B 51 26.46 -7.73 3.36
CA ILE B 51 27.41 -8.81 3.55
C ILE B 51 28.02 -8.93 2.17
N GLY B 52 29.33 -8.98 2.12
CA GLY B 52 30.01 -9.02 0.83
C GLY B 52 30.07 -10.36 0.15
N ASN B 53 30.81 -10.40 -0.94
CA ASN B 53 31.00 -11.61 -1.69
C ASN B 53 32.29 -12.38 -1.27
N LYS B 54 32.51 -13.52 -1.91
CA LYS B 54 33.64 -14.37 -1.58
C LYS B 54 34.98 -13.68 -1.75
N ALA B 55 35.21 -13.13 -2.94
CA ALA B 55 36.46 -12.45 -3.19
C ALA B 55 36.81 -11.45 -2.09
N ASN B 56 35.82 -10.72 -1.60
CA ASN B 56 36.10 -9.73 -0.56
C ASN B 56 36.06 -10.29 0.86
N GLY B 57 36.06 -11.61 1.00
CA GLY B 57 36.03 -12.22 2.32
C GLY B 57 34.72 -12.18 3.10
N TYR B 58 33.59 -11.99 2.40
CA TYR B 58 32.30 -11.96 3.04
C TYR B 58 32.17 -10.98 4.18
N THR B 59 32.69 -9.76 4.01
CA THR B 59 32.62 -8.75 5.09
C THR B 59 31.26 -8.08 5.23
N THR B 60 30.93 -7.61 6.42
CA THR B 60 29.65 -7.00 6.64
C THR B 60 29.82 -5.54 7.01
N GLU B 61 28.80 -4.75 6.72
CA GLU B 61 28.85 -3.33 6.99
C GLU B 61 27.41 -2.96 7.38
N TYR B 62 27.21 -2.24 8.47
CA TYR B 62 25.89 -1.82 8.94
C TYR B 62 25.84 -0.31 9.09
N SER B 63 24.64 0.23 9.04
CA SER B 63 24.36 1.63 9.20
C SER B 63 24.42 1.91 10.70
N ALA B 64 24.71 3.15 11.09
CA ALA B 64 24.83 3.57 12.48
C ALA B 64 23.65 3.29 13.43
N SER B 65 22.43 3.30 12.92
CA SER B 65 21.25 3.02 13.76
C SER B 65 21.10 1.53 14.12
N VAL B 66 21.26 0.66 13.13
CA VAL B 66 21.12 -0.77 13.34
C VAL B 66 22.44 -1.46 13.73
N LYS B 67 23.53 -0.70 13.65
CA LYS B 67 24.85 -1.20 14.02
C LYS B 67 24.79 -1.78 15.45
N GLY B 68 25.09 -3.06 15.54
CA GLY B 68 25.08 -3.76 16.80
C GLY B 68 23.85 -4.58 17.02
N ARG B 69 22.71 -4.02 16.65
CA ARG B 69 21.46 -4.69 16.85
C ARG B 69 21.14 -5.68 15.75
N PHE B 70 21.50 -5.35 14.53
CA PHE B 70 21.21 -6.21 13.40
C PHE B 70 22.44 -6.91 12.87
N THR B 71 22.30 -8.15 12.41
CA THR B 71 23.39 -8.97 11.85
C THR B 71 22.91 -9.56 10.58
N ILE B 72 23.78 -9.60 9.56
CA ILE B 72 23.46 -10.15 8.27
C ILE B 72 24.36 -11.34 8.05
N SER B 73 23.85 -12.42 7.49
CA SER B 73 24.65 -13.62 7.24
C SER B 73 23.99 -14.41 6.14
N ARG B 74 24.75 -15.36 5.61
CA ARG B 74 24.31 -16.26 4.57
C ARG B 74 24.12 -17.65 5.19
N ASP B 75 23.19 -18.42 4.66
CA ASP B 75 22.95 -19.73 5.17
C ASP B 75 24.02 -20.65 4.65
N LYS B 76 24.38 -21.63 5.48
CA LYS B 76 25.40 -22.62 5.17
C LYS B 76 25.14 -23.46 3.93
N SER B 77 23.89 -23.87 3.68
CA SER B 77 23.61 -24.71 2.54
C SER B 77 22.56 -24.22 1.59
N GLN B 78 21.60 -23.47 2.10
CA GLN B 78 20.59 -22.94 1.23
C GLN B 78 21.06 -21.54 0.81
N SER B 79 20.66 -21.10 -0.38
CA SER B 79 21.01 -19.77 -0.90
C SER B 79 20.19 -18.71 -0.18
N ILE B 80 20.13 -18.77 1.15
CA ILE B 80 19.33 -17.83 1.94
C ILE B 80 20.14 -16.77 2.63
N LEU B 81 19.62 -15.54 2.56
CA LEU B 81 20.23 -14.38 3.17
C LEU B 81 19.39 -14.09 4.39
N TYR B 82 20.03 -13.82 5.52
CA TYR B 82 19.31 -13.50 6.75
C TYR B 82 19.57 -12.09 7.27
N LEU B 83 18.63 -11.61 8.09
CA LEU B 83 18.75 -10.37 8.80
C LEU B 83 18.25 -10.66 10.21
N GLN B 84 19.20 -10.85 11.12
CA GLN B 84 18.91 -11.12 12.53
C GLN B 84 18.78 -9.80 13.24
N MET B 85 17.64 -9.56 13.86
CA MET B 85 17.42 -8.31 14.53
C MET B 85 17.23 -8.58 15.98
N ASN B 86 17.82 -7.74 16.83
CA ASN B 86 17.67 -7.96 18.26
C ASN B 86 17.30 -6.67 18.94
N THR B 87 16.72 -6.76 20.13
CA THR B 87 16.29 -5.61 20.91
C THR B 87 15.46 -4.65 20.03
N LEU B 88 14.47 -5.22 19.35
CA LEU B 88 13.64 -4.41 18.45
C LEU B 88 12.85 -3.39 19.22
N ARG B 89 12.41 -2.35 18.51
CA ARG B 89 11.68 -1.26 19.12
C ARG B 89 10.65 -0.79 18.12
N ALA B 90 9.65 -0.03 18.57
CA ALA B 90 8.57 0.49 17.69
C ALA B 90 9.04 1.14 16.39
N GLU B 91 10.05 2.00 16.48
CA GLU B 91 10.64 2.69 15.30
C GLU B 91 11.16 1.73 14.22
N ASP B 92 11.39 0.48 14.55
CA ASP B 92 11.84 -0.51 13.57
C ASP B 92 10.68 -1.07 12.71
N SER B 93 9.43 -0.74 13.02
CA SER B 93 8.26 -1.25 12.23
C SER B 93 8.37 -0.74 10.82
N ALA B 94 8.36 -1.65 9.84
CA ALA B 94 8.56 -1.24 8.48
C ALA B 94 8.45 -2.39 7.53
N THR B 95 8.54 -2.09 6.23
CA THR B 95 8.56 -3.11 5.22
C THR B 95 10.07 -3.28 4.97
N TYR B 96 10.54 -4.53 4.99
CA TYR B 96 11.95 -4.85 4.83
C TYR B 96 12.21 -5.53 3.50
N TYR B 97 13.23 -5.07 2.80
CA TYR B 97 13.59 -5.59 1.50
C TYR B 97 15.01 -6.13 1.51
N CYS B 98 15.22 -7.23 0.82
CA CYS B 98 16.56 -7.74 0.68
C CYS B 98 16.83 -7.25 -0.72
N THR B 99 18.05 -6.80 -0.97
CA THR B 99 18.37 -6.28 -2.29
C THR B 99 19.81 -6.63 -2.71
N ARG B 100 20.01 -6.86 -3.98
CA ARG B 100 21.32 -7.17 -4.50
C ARG B 100 21.99 -5.93 -5.12
N ASP B 101 23.24 -5.67 -4.74
CA ASP B 101 23.99 -4.56 -5.32
C ASP B 101 24.57 -5.16 -6.58
N ARG B 102 24.52 -4.45 -7.70
CA ARG B 102 25.14 -4.98 -8.89
C ARG B 102 26.69 -5.08 -8.76
N GLY B 103 27.31 -4.26 -7.93
CA GLY B 103 28.76 -4.34 -7.80
C GLY B 103 29.18 -4.04 -6.40
N LEU B 104 30.21 -3.23 -6.25
CA LEU B 104 30.67 -2.85 -4.93
C LEU B 104 30.21 -1.38 -4.76
N ARG B 105 29.42 -1.13 -3.73
CA ARG B 105 28.90 0.19 -3.43
C ARG B 105 28.35 0.93 -4.64
N PHE B 106 27.67 0.20 -5.52
CA PHE B 106 27.11 0.73 -6.74
C PHE B 106 25.57 0.93 -6.58
N TYR B 107 24.75 0.11 -7.24
CA TYR B 107 23.30 0.26 -7.07
C TYR B 107 22.58 -1.07 -6.84
N PHE B 108 21.31 -0.98 -6.42
CA PHE B 108 20.45 -2.13 -6.14
C PHE B 108 19.64 -2.56 -7.33
N ASP B 109 20.17 -3.49 -8.13
CA ASP B 109 19.49 -3.93 -9.34
C ASP B 109 18.26 -4.84 -9.21
N TYR B 110 18.15 -5.57 -8.11
CA TYR B 110 17.06 -6.51 -7.86
C TYR B 110 16.65 -6.38 -6.43
N TRP B 111 15.34 -6.39 -6.22
CA TRP B 111 14.74 -6.27 -4.91
C TRP B 111 13.80 -7.43 -4.60
N GLY B 112 13.62 -7.72 -3.32
CA GLY B 112 12.67 -8.74 -2.93
C GLY B 112 11.30 -8.09 -2.96
N GLN B 113 10.24 -8.88 -2.70
CA GLN B 113 8.88 -8.37 -2.73
C GLN B 113 8.56 -7.64 -1.44
N GLY B 114 9.41 -7.78 -0.43
CA GLY B 114 9.20 -7.10 0.83
C GLY B 114 8.49 -7.97 1.86
N THR B 115 8.74 -7.74 3.15
CA THR B 115 8.08 -8.51 4.21
C THR B 115 7.91 -7.44 5.25
N THR B 116 6.88 -7.53 6.09
CA THR B 116 6.60 -6.50 7.09
C THR B 116 6.92 -6.94 8.50
N LEU B 117 7.33 -5.99 9.31
CA LEU B 117 7.68 -6.23 10.70
C LEU B 117 6.91 -5.18 11.45
N THR B 118 6.24 -5.59 12.53
CA THR B 118 5.50 -4.69 13.37
C THR B 118 6.08 -4.96 14.74
N VAL B 119 6.48 -3.91 15.43
CA VAL B 119 7.04 -4.07 16.76
C VAL B 119 6.03 -3.40 17.67
N SER B 120 5.36 -4.20 18.49
CA SER B 120 4.34 -3.68 19.37
C SER B 120 4.03 -4.67 20.48
N SER B 121 3.42 -4.17 21.53
CA SER B 121 3.02 -5.00 22.64
C SER B 121 1.49 -5.35 22.59
N ALA B 122 0.78 -4.81 21.59
CA ALA B 122 -0.65 -5.05 21.38
C ALA B 122 -0.81 -6.50 20.94
N LYS B 123 -1.93 -7.10 21.31
CA LYS B 123 -2.18 -8.49 21.01
C LYS B 123 -2.77 -8.90 19.67
N THR B 124 -2.31 -10.06 19.17
CA THR B 124 -2.79 -10.65 17.93
C THR B 124 -4.28 -10.92 18.15
N THR B 125 -5.10 -10.48 17.20
CA THR B 125 -6.54 -10.59 17.25
C THR B 125 -7.06 -10.86 15.84
N PRO B 126 -7.91 -11.90 15.68
CA PRO B 126 -8.43 -12.22 14.36
C PRO B 126 -9.53 -11.19 13.99
N PRO B 127 -9.68 -10.94 12.69
CA PRO B 127 -10.67 -9.99 12.20
C PRO B 127 -12.08 -10.55 12.22
N SER B 128 -13.02 -9.66 12.41
CA SER B 128 -14.44 -10.00 12.32
C SER B 128 -14.85 -9.57 10.90
N VAL B 129 -15.24 -10.52 10.05
CA VAL B 129 -15.62 -10.20 8.69
C VAL B 129 -17.13 -10.20 8.46
N TYR B 130 -17.67 -9.08 8.00
CA TYR B 130 -19.09 -8.96 7.75
C TYR B 130 -19.40 -8.70 6.29
N PRO B 131 -20.47 -9.32 5.75
CA PRO B 131 -20.83 -9.10 4.33
C PRO B 131 -21.64 -7.79 4.17
N LEU B 132 -21.45 -7.11 3.04
CA LEU B 132 -22.14 -5.84 2.79
C LEU B 132 -22.99 -5.99 1.53
N ALA B 133 -24.30 -5.94 1.73
CA ALA B 133 -25.28 -6.06 0.65
C ALA B 133 -26.27 -4.93 0.93
N PRO B 134 -26.82 -4.29 -0.14
CA PRO B 134 -27.77 -3.20 0.07
C PRO B 134 -29.03 -3.68 0.84
N GLY B 135 -29.70 -2.77 1.53
CA GLY B 135 -30.90 -3.18 2.26
C GLY B 135 -32.19 -3.08 1.45
N SER B 136 -32.06 -2.86 0.14
CA SER B 136 -33.22 -2.69 -0.75
C SER B 136 -32.93 -3.01 -2.20
N ALA B 137 -34.00 -3.20 -2.99
CA ALA B 137 -33.90 -3.46 -4.42
C ALA B 137 -33.29 -2.17 -4.91
N ALA B 138 -31.99 -2.20 -5.15
CA ALA B 138 -31.28 -1.01 -5.58
C ALA B 138 -30.97 -0.92 -7.07
N GLN B 139 -31.44 -1.87 -7.86
CA GLN B 139 -31.20 -1.79 -9.30
C GLN B 139 -32.11 -0.68 -9.82
N THR B 140 -31.60 0.10 -10.76
CA THR B 140 -32.33 1.21 -11.38
C THR B 140 -31.42 1.71 -12.50
N ASN B 141 -30.12 1.77 -12.18
CA ASN B 141 -29.06 2.21 -13.09
C ASN B 141 -28.46 1.02 -13.85
N SER B 142 -27.84 0.09 -13.12
CA SER B 142 -27.24 -1.11 -13.69
C SER B 142 -26.33 -1.86 -12.69
N MET B 143 -25.01 -1.88 -12.95
CA MET B 143 -23.98 -2.55 -12.13
C MET B 143 -24.18 -2.50 -10.63
N VAL B 144 -23.83 -3.57 -9.91
CA VAL B 144 -23.98 -3.57 -8.43
C VAL B 144 -22.68 -3.69 -7.59
N THR B 145 -22.60 -2.83 -6.58
CA THR B 145 -21.48 -2.80 -5.68
C THR B 145 -21.80 -3.48 -4.35
N LEU B 146 -20.94 -4.44 -4.02
CA LEU B 146 -21.00 -5.24 -2.78
C LEU B 146 -19.69 -5.05 -1.99
N GLY B 147 -19.68 -5.49 -0.75
CA GLY B 147 -18.46 -5.39 0.04
C GLY B 147 -18.34 -6.33 1.22
N CYS B 148 -17.28 -6.13 1.99
CA CYS B 148 -16.96 -6.89 3.20
C CYS B 148 -16.24 -5.93 4.14
N LEU B 149 -16.55 -5.99 5.41
CA LEU B 149 -15.91 -5.17 6.40
C LEU B 149 -15.07 -6.18 7.21
N VAL B 150 -13.76 -5.98 7.23
CA VAL B 150 -12.81 -6.82 7.98
C VAL B 150 -12.47 -5.93 9.18
N LYS B 151 -13.05 -6.24 10.33
CA LYS B 151 -12.88 -5.37 11.47
C LYS B 151 -12.28 -5.95 12.75
N GLY B 152 -11.53 -5.13 13.48
CA GLY B 152 -10.92 -5.51 14.76
C GLY B 152 -9.78 -6.53 14.85
N TYR B 153 -8.89 -6.52 13.86
CA TYR B 153 -7.76 -7.42 13.83
C TYR B 153 -6.41 -6.72 14.17
N PHE B 154 -5.38 -7.53 14.41
CA PHE B 154 -4.03 -7.06 14.73
C PHE B 154 -3.15 -8.32 14.74
N PRO B 155 -2.00 -8.28 14.06
CA PRO B 155 -1.51 -7.11 13.32
C PRO B 155 -1.83 -7.22 11.84
N GLU B 156 -1.26 -6.29 11.09
CA GLU B 156 -1.38 -6.33 9.64
C GLU B 156 -0.52 -7.52 9.18
N PRO B 157 -0.82 -8.10 8.01
CA PRO B 157 -1.92 -7.73 7.12
C PRO B 157 -2.93 -8.86 7.01
N VAL B 158 -3.91 -8.64 6.16
CA VAL B 158 -4.92 -9.65 5.87
C VAL B 158 -4.94 -9.60 4.37
N THR B 159 -5.32 -10.69 3.72
CA THR B 159 -5.42 -10.69 2.27
C THR B 159 -6.92 -10.94 1.94
N VAL B 160 -7.43 -10.21 0.95
CA VAL B 160 -8.84 -10.31 0.55
C VAL B 160 -8.92 -10.58 -0.94
N THR B 161 -9.66 -11.62 -1.32
CA THR B 161 -9.88 -11.93 -2.73
C THR B 161 -11.38 -12.06 -2.89
N TRP B 162 -11.85 -12.08 -4.13
CA TRP B 162 -13.28 -12.20 -4.39
C TRP B 162 -13.44 -13.36 -5.33
N ASN B 163 -14.20 -14.33 -4.87
CA ASN B 163 -14.41 -15.56 -5.60
C ASN B 163 -13.08 -16.19 -5.94
N SER B 164 -12.21 -16.24 -4.93
CA SER B 164 -10.89 -16.84 -5.05
C SER B 164 -10.06 -16.16 -6.13
N GLY B 165 -10.25 -14.85 -6.25
CA GLY B 165 -9.53 -14.09 -7.24
C GLY B 165 -10.17 -14.17 -8.61
N SER B 166 -11.21 -14.99 -8.76
CA SER B 166 -11.88 -15.11 -10.07
C SER B 166 -12.35 -13.71 -10.45
N LEU B 167 -12.87 -13.02 -9.44
CA LEU B 167 -13.33 -11.67 -9.60
C LEU B 167 -12.15 -10.73 -9.38
N SER B 168 -11.51 -10.33 -10.46
CA SER B 168 -10.36 -9.44 -10.41
C SER B 168 -10.76 -7.97 -10.63
N SER B 169 -11.62 -7.74 -11.63
CA SER B 169 -12.11 -6.41 -11.98
C SER B 169 -13.13 -5.90 -11.01
N GLY B 170 -13.16 -4.58 -10.88
CA GLY B 170 -14.10 -3.92 -10.00
C GLY B 170 -13.84 -4.05 -8.53
N VAL B 171 -12.62 -4.42 -8.13
CA VAL B 171 -12.29 -4.58 -6.70
C VAL B 171 -11.52 -3.37 -6.19
N HIS B 172 -11.83 -2.94 -4.99
CA HIS B 172 -11.15 -1.85 -4.31
C HIS B 172 -11.01 -2.26 -2.88
N THR B 173 -9.82 -2.74 -2.55
CA THR B 173 -9.55 -3.12 -1.18
C THR B 173 -8.89 -1.88 -0.64
N PHE B 174 -9.44 -1.39 0.46
CA PHE B 174 -8.92 -0.16 1.04
C PHE B 174 -7.92 -0.40 2.14
N PRO B 175 -6.94 0.51 2.26
CA PRO B 175 -5.86 0.49 3.26
C PRO B 175 -6.47 0.49 4.68
N ALA B 176 -6.06 -0.48 5.48
CA ALA B 176 -6.58 -0.57 6.84
C ALA B 176 -6.37 0.72 7.63
N VAL B 177 -7.20 0.94 8.65
CA VAL B 177 -7.12 2.12 9.50
C VAL B 177 -6.94 1.52 10.87
N LEU B 178 -6.00 2.07 11.64
CA LEU B 178 -5.68 1.60 12.97
C LEU B 178 -6.30 2.52 13.98
N GLN B 179 -6.88 1.94 15.02
CA GLN B 179 -7.49 2.70 16.07
C GLN B 179 -7.38 1.90 17.37
N SER B 180 -6.71 2.49 18.34
CA SER B 180 -6.53 1.87 19.64
C SER B 180 -6.15 0.40 19.58
N ASP B 181 -5.01 0.13 18.95
CA ASP B 181 -4.48 -1.23 18.84
C ASP B 181 -5.26 -2.18 17.94
N LEU B 182 -6.16 -1.66 17.12
CA LEU B 182 -6.91 -2.54 16.26
C LEU B 182 -7.11 -2.00 14.86
N TYR B 183 -6.98 -2.87 13.86
CA TYR B 183 -7.13 -2.51 12.45
C TYR B 183 -8.50 -2.89 11.88
N THR B 184 -8.93 -2.13 10.88
CA THR B 184 -10.20 -2.35 10.22
C THR B 184 -10.01 -1.93 8.76
N LEU B 185 -10.42 -2.77 7.83
CA LEU B 185 -10.36 -2.38 6.45
C LEU B 185 -11.68 -2.81 5.81
N SER B 186 -11.87 -2.46 4.54
CA SER B 186 -13.05 -2.85 3.82
C SER B 186 -12.64 -3.02 2.40
N SER B 187 -13.42 -3.81 1.69
CA SER B 187 -13.18 -4.08 0.30
C SER B 187 -14.52 -4.09 -0.43
N SER B 188 -14.51 -3.53 -1.64
CA SER B 188 -15.69 -3.47 -2.45
C SER B 188 -15.40 -4.14 -3.77
N VAL B 189 -16.43 -4.76 -4.31
CA VAL B 189 -16.39 -5.43 -5.59
C VAL B 189 -17.64 -4.96 -6.33
N THR B 190 -17.47 -4.64 -7.60
CA THR B 190 -18.53 -4.15 -8.46
C THR B 190 -18.75 -5.16 -9.57
N VAL B 191 -19.88 -5.83 -9.51
CA VAL B 191 -20.16 -6.85 -10.50
C VAL B 191 -21.43 -6.60 -11.28
N PRO B 192 -21.50 -7.18 -12.49
CA PRO B 192 -22.68 -7.01 -13.32
C PRO B 192 -23.87 -7.67 -12.60
N SER B 193 -25.07 -7.13 -12.82
CA SER B 193 -26.29 -7.65 -12.20
C SER B 193 -26.60 -9.12 -12.53
N SER B 194 -26.30 -9.55 -13.75
CA SER B 194 -26.54 -10.93 -14.16
C SER B 194 -25.84 -11.97 -13.25
N PRO B 195 -24.60 -11.67 -12.76
CA PRO B 195 -23.88 -12.59 -11.88
C PRO B 195 -24.28 -12.58 -10.41
N ARG B 196 -25.10 -11.65 -9.97
CA ARG B 196 -25.46 -11.65 -8.57
C ARG B 196 -26.87 -11.13 -8.25
N PRO B 197 -27.61 -11.80 -7.32
CA PRO B 197 -27.22 -13.00 -6.53
C PRO B 197 -27.20 -14.31 -7.27
N SER B 198 -27.59 -14.27 -8.54
CA SER B 198 -27.61 -15.46 -9.36
C SER B 198 -26.40 -16.36 -9.30
N GLU B 199 -25.20 -15.80 -9.16
CA GLU B 199 -24.00 -16.63 -9.18
C GLU B 199 -22.98 -16.63 -8.02
N THR B 200 -23.41 -16.34 -6.81
CA THR B 200 -22.52 -16.37 -5.65
C THR B 200 -21.30 -15.46 -5.74
N VAL B 201 -21.23 -14.54 -4.79
CA VAL B 201 -20.13 -13.60 -4.68
C VAL B 201 -19.66 -13.76 -3.24
N THR B 202 -18.40 -14.15 -3.09
CA THR B 202 -17.82 -14.42 -1.78
C THR B 202 -16.49 -13.68 -1.60
N CYS B 203 -16.25 -13.17 -0.41
CA CYS B 203 -14.96 -12.54 -0.12
C CYS B 203 -14.17 -13.47 0.80
N ASN B 204 -13.02 -13.88 0.31
CA ASN B 204 -12.07 -14.72 1.03
C ASN B 204 -11.16 -13.80 1.80
N VAL B 205 -11.12 -13.94 3.12
CA VAL B 205 -10.27 -13.14 4.00
C VAL B 205 -9.28 -14.00 4.81
N ALA B 206 -7.99 -13.74 4.66
CA ALA B 206 -7.01 -14.48 5.44
C ALA B 206 -6.16 -13.56 6.30
N HIS B 207 -6.01 -13.93 7.57
CA HIS B 207 -5.21 -13.20 8.54
C HIS B 207 -4.24 -14.20 9.15
N PRO B 208 -3.13 -14.46 8.45
CA PRO B 208 -2.05 -15.39 8.80
C PRO B 208 -1.68 -15.42 10.26
N ALA B 209 -1.43 -14.25 10.84
CA ALA B 209 -1.07 -14.11 12.23
C ALA B 209 -1.93 -14.95 13.14
N SER B 210 -3.20 -15.11 12.79
CA SER B 210 -4.15 -15.89 13.57
C SER B 210 -4.64 -17.15 12.86
N SER B 211 -4.03 -17.43 11.70
CA SER B 211 -4.35 -18.57 10.84
C SER B 211 -5.77 -18.49 10.26
N THR B 212 -6.51 -17.47 10.68
CA THR B 212 -7.88 -17.25 10.22
C THR B 212 -7.97 -17.20 8.71
N LYS B 213 -9.05 -17.78 8.21
CA LYS B 213 -9.30 -17.83 6.79
C LYS B 213 -10.82 -17.98 6.69
N VAL B 214 -11.52 -16.90 6.30
CA VAL B 214 -12.98 -16.94 6.20
C VAL B 214 -13.51 -16.48 4.86
N ASP B 215 -14.62 -17.08 4.46
CA ASP B 215 -15.24 -16.74 3.21
C ASP B 215 -16.67 -16.34 3.48
N LYS B 216 -16.96 -15.04 3.41
CA LYS B 216 -18.33 -14.55 3.61
C LYS B 216 -19.02 -14.39 2.27
N LYS B 217 -20.07 -15.18 2.04
CA LYS B 217 -20.85 -15.10 0.79
C LYS B 217 -21.79 -13.94 0.95
N ILE B 218 -21.84 -13.04 -0.03
CA ILE B 218 -22.74 -11.90 0.08
C ILE B 218 -24.14 -12.39 -0.33
N VAL B 219 -25.03 -12.33 0.64
CA VAL B 219 -26.40 -12.79 0.51
C VAL B 219 -27.40 -11.60 0.43
N PRO B 220 -28.27 -11.56 -0.60
CA PRO B 220 -29.20 -10.42 -0.61
C PRO B 220 -30.08 -10.41 0.64
N ARG B 221 -30.44 -9.19 1.02
CA ARG B 221 -31.28 -8.88 2.16
C ARG B 221 -32.23 -7.74 1.76
N ASP B 222 -33.12 -7.32 2.66
CA ASP B 222 -34.13 -6.28 2.36
C ASP B 222 -34.67 -5.63 3.63
#